data_3VHZ
#
_entry.id   3VHZ
#
_cell.length_a   102.600
_cell.length_b   102.600
_cell.length_c   112.340
_cell.angle_alpha   90.00
_cell.angle_beta   90.00
_cell.angle_gamma   120.00
#
_symmetry.space_group_name_H-M   'P 6 2 2'
#
loop_
_entity.id
_entity.type
_entity.pdbx_description
1 polymer Bacteriorhodopsin
2 branched 3-O-sulfo-beta-D-galactopyranose-(1-6)-alpha-D-mannopyranose-(1-2)-alpha-D-glucopyranose
3 non-polymer RETINAL
4 non-polymer 'octyl 1-thio-beta-D-glucopyranoside'
5 non-polymer 2,3-DI-PHYTANYL-GLYCEROL
6 water water
#
_entity_poly.entity_id   1
_entity_poly.type   'polypeptide(L)'
_entity_poly.pdbx_seq_one_letter_code
;MLELLPTAVEGVSQAQITGRPEWIWLALGTALMGLGTLYFLVKGMGVSDPDAKKFYAITTLVPAIAFTMYLSMLLGYGLT
MVPFGGEQNPIYWARYADWLFTTPLALLDLALLVDADQGTILALVGADGIMIGTGLVGALTKVYSYRFVWWAISTAAMLY
ILYVLFFGFTSKAESMRPEVASTFKVLRNVTVVLWSAYPVVWLIGSEGAGIVPLNIETLLFMVLDVSAKVGFGLILLRSR
AIFGEAEAPEPSAGDGAAATSD
;
_entity_poly.pdbx_strand_id   A
#
loop_
_chem_comp.id
_chem_comp.type
_chem_comp.name
_chem_comp.formula
GLC D-saccharide, alpha linking alpha-D-glucopyranose 'C6 H12 O6'
L2P non-polymer 2,3-DI-PHYTANYL-GLYCEROL 'C43 H88 O3'
MAN D-saccharide, alpha linking alpha-D-mannopyranose 'C6 H12 O6'
RET non-polymer RETINAL 'C20 H28 O'
SGA D-saccharide, beta linking 3-O-sulfo-beta-D-galactopyranose 'C6 H12 O9 S'
SOG D-saccharide 'octyl 1-thio-beta-D-glucopyranoside' 'C14 H28 O5 S'
#
# COMPACT_ATOMS: atom_id res chain seq x y z
N THR A 18 19.39 -11.18 13.63
CA THR A 18 20.39 -10.12 13.34
C THR A 18 20.26 -8.97 14.32
N GLY A 19 19.46 -9.16 15.36
CA GLY A 19 19.28 -8.12 16.35
C GLY A 19 17.83 -7.94 16.79
N ARG A 20 17.17 -6.89 16.28
CA ARG A 20 15.78 -6.60 16.63
C ARG A 20 14.95 -7.86 16.36
N PRO A 21 14.00 -8.18 17.24
CA PRO A 21 13.14 -9.36 17.10
C PRO A 21 12.21 -9.38 15.89
N GLU A 22 12.01 -8.23 15.24
CA GLU A 22 11.12 -8.19 14.08
C GLU A 22 11.88 -8.50 12.79
N TRP A 23 13.21 -8.54 12.88
CA TRP A 23 14.05 -8.81 11.73
C TRP A 23 13.54 -9.93 10.82
N ILE A 24 13.06 -11.01 11.42
CA ILE A 24 12.58 -12.14 10.65
C ILE A 24 11.46 -11.77 9.70
N TRP A 25 10.46 -11.04 10.19
CA TRP A 25 9.34 -10.64 9.36
C TRP A 25 9.82 -9.67 8.27
N LEU A 26 10.79 -8.84 8.62
CA LEU A 26 11.34 -7.90 7.66
C LEU A 26 12.05 -8.69 6.57
N ALA A 27 12.66 -9.81 6.96
CA ALA A 27 13.39 -10.66 6.02
C ALA A 27 12.45 -11.39 5.07
N LEU A 28 11.36 -11.95 5.61
CA LEU A 28 10.42 -12.67 4.80
C LEU A 28 9.72 -11.71 3.82
N GLY A 29 9.43 -10.51 4.30
CA GLY A 29 8.80 -9.51 3.45
C GLY A 29 9.73 -9.11 2.32
N THR A 30 11.00 -8.96 2.63
CA THR A 30 11.98 -8.60 1.61
C THR A 30 11.99 -9.67 0.52
N ALA A 31 12.06 -10.92 0.95
CA ALA A 31 12.11 -12.04 0.02
C ALA A 31 10.83 -12.16 -0.81
N LEU A 32 9.68 -12.12 -0.15
CA LEU A 32 8.40 -12.23 -0.84
C LEU A 32 8.20 -11.07 -1.81
N MET A 33 8.53 -9.84 -1.40
CA MET A 33 8.36 -8.73 -2.33
C MET A 33 9.33 -8.98 -3.50
N GLY A 34 10.53 -9.43 -3.18
CA GLY A 34 11.52 -9.70 -4.20
C GLY A 34 11.07 -10.74 -5.19
N LEU A 35 10.58 -11.88 -4.69
CA LEU A 35 10.11 -12.94 -5.55
C LEU A 35 8.87 -12.50 -6.33
N GLY A 36 8.02 -11.71 -5.69
CA GLY A 36 6.83 -11.23 -6.35
C GLY A 36 7.19 -10.39 -7.56
N THR A 37 8.23 -9.57 -7.44
CA THR A 37 8.67 -8.73 -8.54
C THR A 37 9.17 -9.58 -9.71
N LEU A 38 10.09 -10.50 -9.42
CA LEU A 38 10.65 -11.39 -10.44
C LEU A 38 9.57 -12.19 -11.15
N TYR A 39 8.60 -12.65 -10.38
CA TYR A 39 7.50 -13.41 -10.95
C TYR A 39 6.73 -12.55 -11.95
N PHE A 40 6.33 -11.34 -11.53
CA PHE A 40 5.60 -10.44 -12.42
C PHE A 40 6.47 -10.02 -13.62
N LEU A 41 7.76 -9.79 -13.39
CA LEU A 41 8.63 -9.43 -14.51
C LEU A 41 8.64 -10.54 -15.57
N VAL A 42 8.68 -11.78 -15.10
CA VAL A 42 8.71 -12.91 -16.02
C VAL A 42 7.38 -13.06 -16.73
N LYS A 43 6.29 -12.94 -15.97
CA LYS A 43 4.95 -13.06 -16.53
C LYS A 43 4.64 -11.99 -17.57
N GLY A 44 5.12 -10.77 -17.34
CA GLY A 44 4.85 -9.70 -18.30
C GLY A 44 5.76 -9.74 -19.49
N MET A 45 6.64 -10.73 -19.52
CA MET A 45 7.57 -10.84 -20.63
C MET A 45 6.87 -11.23 -21.92
N GLY A 46 7.15 -10.48 -22.98
CA GLY A 46 6.56 -10.77 -24.27
C GLY A 46 5.20 -10.13 -24.52
N VAL A 47 4.60 -9.53 -23.50
CA VAL A 47 3.30 -8.89 -23.65
C VAL A 47 3.41 -7.70 -24.61
N SER A 48 2.58 -7.69 -25.65
CA SER A 48 2.63 -6.61 -26.63
C SER A 48 1.48 -5.60 -26.52
N ASP A 49 0.36 -6.01 -25.94
CA ASP A 49 -0.78 -5.09 -25.80
C ASP A 49 -0.36 -3.86 -25.00
N PRO A 50 -0.46 -2.67 -25.60
CA PRO A 50 -0.09 -1.42 -24.92
C PRO A 50 -0.83 -1.17 -23.60
N ASP A 51 -2.08 -1.62 -23.50
CA ASP A 51 -2.86 -1.46 -22.28
C ASP A 51 -2.41 -2.43 -21.19
N ALA A 52 -2.06 -3.65 -21.63
CA ALA A 52 -1.58 -4.69 -20.71
C ALA A 52 -0.23 -4.25 -20.16
N LYS A 53 0.59 -3.65 -21.03
CA LYS A 53 1.91 -3.15 -20.65
C LYS A 53 1.82 -2.22 -19.44
N LYS A 54 0.86 -1.29 -19.49
CA LYS A 54 0.67 -0.34 -18.41
C LYS A 54 0.40 -1.08 -17.11
N PHE A 55 -0.59 -1.97 -17.14
CA PHE A 55 -0.93 -2.75 -15.96
C PHE A 55 0.28 -3.52 -15.43
N TYR A 56 1.04 -4.15 -16.32
CA TYR A 56 2.21 -4.88 -15.88
C TYR A 56 3.27 -3.96 -15.29
N ALA A 57 3.42 -2.77 -15.87
CA ALA A 57 4.41 -1.83 -15.38
C ALA A 57 4.04 -1.30 -14.01
N ILE A 58 2.79 -0.86 -13.86
CA ILE A 58 2.35 -0.32 -12.57
C ILE A 58 2.39 -1.40 -11.50
N THR A 59 1.80 -2.55 -11.80
CA THR A 59 1.74 -3.66 -10.85
C THR A 59 3.07 -4.29 -10.47
N THR A 60 4.07 -4.22 -11.34
CA THR A 60 5.38 -4.82 -11.04
C THR A 60 6.25 -3.85 -10.23
N LEU A 61 6.13 -2.55 -10.52
CA LEU A 61 6.87 -1.53 -9.80
C LEU A 61 6.49 -1.52 -8.33
N VAL A 62 5.21 -1.76 -8.06
CA VAL A 62 4.75 -1.75 -6.68
C VAL A 62 5.58 -2.66 -5.79
N PRO A 63 5.62 -3.97 -6.10
CA PRO A 63 6.44 -4.80 -5.22
C PRO A 63 7.94 -4.45 -5.30
N ALA A 64 8.38 -4.00 -6.47
CA ALA A 64 9.79 -3.63 -6.64
C ALA A 64 10.14 -2.56 -5.61
N ILE A 65 9.32 -1.52 -5.51
CA ILE A 65 9.58 -0.47 -4.54
C ILE A 65 9.53 -1.12 -3.14
N ALA A 66 8.49 -1.90 -2.90
CA ALA A 66 8.33 -2.58 -1.62
C ALA A 66 9.61 -3.33 -1.26
N PHE A 67 10.20 -3.99 -2.24
CA PHE A 67 11.45 -4.74 -2.02
C PHE A 67 12.55 -3.89 -1.43
N THR A 68 12.84 -2.77 -2.09
CA THR A 68 13.90 -1.87 -1.66
C THR A 68 13.67 -1.29 -0.28
N MET A 69 12.42 -0.98 0.06
CA MET A 69 12.15 -0.41 1.36
C MET A 69 12.22 -1.43 2.50
N TYR A 70 11.73 -2.64 2.25
CA TYR A 70 11.81 -3.65 3.28
C TYR A 70 13.27 -3.92 3.58
N LEU A 71 14.09 -3.96 2.53
CA LEU A 71 15.52 -4.22 2.70
C LEU A 71 16.18 -3.14 3.54
N SER A 72 15.74 -1.90 3.38
CA SER A 72 16.34 -0.83 4.17
C SER A 72 15.96 -1.02 5.64
N MET A 73 14.79 -1.62 5.88
CA MET A 73 14.34 -1.87 7.26
C MET A 73 15.03 -3.08 7.86
N LEU A 74 15.30 -4.08 7.03
CA LEU A 74 15.98 -5.27 7.49
C LEU A 74 17.41 -4.90 7.87
N LEU A 75 18.07 -4.13 7.00
CA LEU A 75 19.45 -3.70 7.24
C LEU A 75 19.59 -2.60 8.27
N GLY A 76 18.45 -2.14 8.83
CA GLY A 76 18.50 -1.11 9.85
C GLY A 76 18.39 0.32 9.36
N TYR A 77 18.61 0.53 8.07
CA TYR A 77 18.54 1.88 7.52
C TYR A 77 17.16 2.56 7.68
N GLY A 78 16.09 1.85 7.35
CA GLY A 78 14.77 2.43 7.45
C GLY A 78 14.21 2.57 8.85
N LEU A 79 15.07 2.53 9.86
CA LEU A 79 14.64 2.65 11.26
C LEU A 79 15.26 3.91 11.84
N THR A 80 14.47 4.68 12.59
CA THR A 80 14.98 5.88 13.23
C THR A 80 14.47 5.89 14.68
N MET A 81 14.93 6.86 15.47
CA MET A 81 14.51 6.94 16.86
C MET A 81 13.73 8.21 17.12
N VAL A 82 12.52 8.06 17.66
CA VAL A 82 11.64 9.17 17.95
C VAL A 82 11.27 9.22 19.42
N PRO A 83 11.52 10.37 20.07
CA PRO A 83 11.18 10.51 21.49
C PRO A 83 9.75 11.02 21.70
N PHE A 84 9.03 10.33 22.57
CA PHE A 84 7.66 10.69 22.92
C PHE A 84 7.16 9.70 23.95
N GLY A 85 6.27 10.17 24.82
CA GLY A 85 5.76 9.30 25.87
C GLY A 85 6.87 9.05 26.86
N GLY A 86 7.89 9.91 26.81
CA GLY A 86 9.03 9.77 27.70
C GLY A 86 10.06 8.79 27.19
N GLU A 87 9.69 7.51 27.17
CA GLU A 87 10.60 6.45 26.71
C GLU A 87 11.03 6.64 25.26
N GLN A 88 11.90 5.75 24.79
CA GLN A 88 12.42 5.80 23.41
C GLN A 88 11.61 4.92 22.49
N ASN A 89 11.41 5.39 21.26
CA ASN A 89 10.61 4.65 20.30
C ASN A 89 11.23 4.39 18.93
N PRO A 90 11.22 3.12 18.50
CA PRO A 90 11.78 2.68 17.22
C PRO A 90 10.74 2.86 16.12
N ILE A 91 10.99 3.79 15.21
CA ILE A 91 10.06 4.06 14.12
C ILE A 91 10.66 3.77 12.75
N TYR A 92 10.05 2.85 12.02
CA TYR A 92 10.49 2.52 10.67
C TYR A 92 9.83 3.51 9.73
N TRP A 93 10.60 4.53 9.32
CA TRP A 93 10.09 5.56 8.42
C TRP A 93 10.01 5.08 6.98
N ALA A 94 10.78 4.02 6.67
CA ALA A 94 10.83 3.48 5.31
C ALA A 94 9.45 3.13 4.75
N ARG A 95 8.56 2.66 5.60
CA ARG A 95 7.20 2.30 5.15
C ARG A 95 6.52 3.43 4.40
N TYR A 96 6.67 4.66 4.91
CA TYR A 96 6.05 5.82 4.27
C TYR A 96 6.70 6.12 2.92
N ALA A 97 8.01 5.96 2.86
CA ALA A 97 8.75 6.18 1.62
C ALA A 97 8.19 5.23 0.56
N ASP A 98 7.90 4.01 0.99
CA ASP A 98 7.34 2.95 0.16
C ASP A 98 5.93 3.35 -0.27
N TRP A 99 5.04 3.43 0.71
CA TRP A 99 3.64 3.77 0.48
C TRP A 99 3.41 5.05 -0.30
N LEU A 100 4.33 6.01 -0.17
CA LEU A 100 4.21 7.27 -0.87
C LEU A 100 4.03 7.10 -2.39
N PHE A 101 4.76 6.15 -2.97
CA PHE A 101 4.66 5.91 -4.40
C PHE A 101 3.78 4.69 -4.68
N THR A 102 3.88 3.76 -3.76
CA THR A 102 3.17 2.50 -3.85
C THR A 102 1.63 2.57 -3.72
N THR A 103 1.08 3.41 -2.83
CA THR A 103 -0.38 3.44 -2.74
C THR A 103 -1.00 4.07 -3.99
N PRO A 104 -0.41 5.15 -4.52
CA PRO A 104 -0.95 5.80 -5.72
C PRO A 104 -0.92 4.88 -6.95
N LEU A 105 0.16 4.13 -7.09
CA LEU A 105 0.30 3.20 -8.22
C LEU A 105 -0.89 2.25 -8.25
N ALA A 106 -1.23 1.72 -7.08
CA ALA A 106 -2.37 0.82 -6.93
C ALA A 106 -3.63 1.55 -7.38
N LEU A 107 -3.75 2.81 -6.95
CA LEU A 107 -4.91 3.62 -7.32
C LEU A 107 -4.92 3.77 -8.84
N LEU A 108 -3.75 3.93 -9.43
CA LEU A 108 -3.64 4.04 -10.89
C LEU A 108 -4.12 2.76 -11.56
N ASP A 109 -3.79 1.60 -10.99
CA ASP A 109 -4.25 0.34 -11.58
C ASP A 109 -5.79 0.36 -11.59
N LEU A 110 -6.39 0.66 -10.44
CA LEU A 110 -7.84 0.74 -10.36
C LEU A 110 -8.43 1.73 -11.36
N ALA A 111 -7.83 2.92 -11.44
CA ALA A 111 -8.32 3.96 -12.34
C ALA A 111 -8.29 3.54 -13.81
N LEU A 112 -7.22 2.87 -14.22
CA LEU A 112 -7.11 2.42 -15.61
C LEU A 112 -8.16 1.36 -15.90
N LEU A 113 -8.33 0.45 -14.95
CA LEU A 113 -9.28 -0.63 -15.12
C LEU A 113 -10.67 -0.07 -15.37
N VAL A 114 -10.98 0.99 -14.65
CA VAL A 114 -12.29 1.61 -14.70
C VAL A 114 -12.39 2.81 -15.66
N ASP A 115 -11.24 3.26 -16.15
CA ASP A 115 -11.20 4.39 -17.06
C ASP A 115 -11.78 5.63 -16.36
N ALA A 116 -11.24 5.90 -15.18
CA ALA A 116 -11.64 7.04 -14.38
C ALA A 116 -11.24 8.37 -15.02
N ASP A 117 -11.99 9.41 -14.73
CA ASP A 117 -11.71 10.74 -15.25
C ASP A 117 -10.39 11.23 -14.64
N GLN A 118 -9.65 12.04 -15.39
CA GLN A 118 -8.38 12.56 -14.92
C GLN A 118 -8.57 13.36 -13.64
N GLY A 119 -9.69 14.09 -13.58
CA GLY A 119 -9.97 14.88 -12.40
C GLY A 119 -10.01 14.04 -11.15
N THR A 120 -10.73 12.92 -11.19
CA THR A 120 -10.79 12.06 -10.01
C THR A 120 -9.45 11.36 -9.74
N ILE A 121 -8.71 11.03 -10.80
CA ILE A 121 -7.40 10.38 -10.58
C ILE A 121 -6.53 11.36 -9.81
N LEU A 122 -6.51 12.62 -10.25
CA LEU A 122 -5.72 13.64 -9.56
C LEU A 122 -6.17 13.81 -8.09
N ALA A 123 -7.47 13.91 -7.87
CA ALA A 123 -8.00 14.07 -6.51
C ALA A 123 -7.58 12.87 -5.65
N LEU A 124 -7.72 11.67 -6.20
CA LEU A 124 -7.32 10.47 -5.46
C LEU A 124 -5.83 10.43 -5.17
N VAL A 125 -5.00 10.81 -6.15
CA VAL A 125 -3.55 10.78 -5.91
C VAL A 125 -3.19 11.81 -4.87
N GLY A 126 -3.84 12.98 -4.94
CA GLY A 126 -3.57 14.00 -3.95
C GLY A 126 -3.99 13.54 -2.58
N ALA A 127 -5.20 13.00 -2.47
CA ALA A 127 -5.69 12.54 -1.17
C ALA A 127 -4.70 11.50 -0.62
N ASP A 128 -4.16 10.68 -1.51
CA ASP A 128 -3.21 9.65 -1.11
C ASP A 128 -1.94 10.32 -0.60
N GLY A 129 -1.42 11.30 -1.35
CA GLY A 129 -0.22 12.00 -0.91
C GLY A 129 -0.41 12.61 0.46
N ILE A 130 -1.58 13.19 0.70
CA ILE A 130 -1.84 13.78 2.00
C ILE A 130 -1.91 12.67 3.05
N MET A 131 -2.57 11.57 2.70
CA MET A 131 -2.68 10.45 3.63
C MET A 131 -1.31 9.99 4.13
N ILE A 132 -0.40 9.74 3.19
CA ILE A 132 0.93 9.26 3.56
C ILE A 132 1.78 10.35 4.18
N GLY A 133 1.77 11.53 3.57
CA GLY A 133 2.55 12.64 4.10
C GLY A 133 2.15 12.87 5.54
N THR A 134 0.85 12.94 5.80
CA THR A 134 0.32 13.14 7.15
C THR A 134 0.66 11.97 8.07
N GLY A 135 0.59 10.76 7.53
CA GLY A 135 0.91 9.60 8.35
C GLY A 135 2.36 9.66 8.77
N LEU A 136 3.23 10.10 7.86
CA LEU A 136 4.65 10.20 8.15
C LEU A 136 4.89 11.24 9.23
N VAL A 137 4.31 12.42 9.05
CA VAL A 137 4.47 13.48 10.03
C VAL A 137 4.12 12.88 11.38
N GLY A 138 2.90 12.34 11.48
CA GLY A 138 2.46 11.74 12.73
C GLY A 138 3.47 10.82 13.35
N ALA A 139 4.00 9.90 12.55
CA ALA A 139 4.99 8.93 13.03
C ALA A 139 6.25 9.56 13.60
N LEU A 140 6.58 10.77 13.15
CA LEU A 140 7.79 11.44 13.62
C LEU A 140 7.56 12.62 14.58
N THR A 141 6.33 12.80 15.04
CA THR A 141 6.01 13.90 15.94
C THR A 141 6.43 13.57 17.38
N LYS A 142 7.08 14.53 18.04
CA LYS A 142 7.57 14.36 19.41
C LYS A 142 6.48 14.42 20.49
N VAL A 143 5.44 15.22 20.27
CA VAL A 143 4.36 15.33 21.24
C VAL A 143 3.35 14.20 21.05
N TYR A 144 3.47 13.17 21.87
CA TYR A 144 2.61 12.00 21.83
C TYR A 144 1.15 12.25 21.48
N SER A 145 0.59 13.32 22.03
CA SER A 145 -0.80 13.63 21.79
C SER A 145 -1.07 14.11 20.36
N TYR A 146 -0.14 14.86 19.78
CA TYR A 146 -0.30 15.36 18.43
C TYR A 146 -0.29 14.26 17.38
N ARG A 147 0.50 13.22 17.63
CA ARG A 147 0.61 12.09 16.70
C ARG A 147 -0.76 11.59 16.27
N PHE A 148 -1.72 11.63 17.20
CA PHE A 148 -3.06 11.17 16.89
C PHE A 148 -3.83 12.15 16.01
N VAL A 149 -3.56 13.45 16.17
CA VAL A 149 -4.23 14.44 15.33
C VAL A 149 -3.90 14.08 13.88
N TRP A 150 -2.61 13.91 13.59
CA TRP A 150 -2.18 13.53 12.25
C TRP A 150 -2.79 12.21 11.78
N TRP A 151 -3.01 11.30 12.72
CA TRP A 151 -3.61 10.00 12.44
C TRP A 151 -5.03 10.25 11.93
N ALA A 152 -5.73 11.12 12.64
CA ALA A 152 -7.12 11.45 12.30
C ALA A 152 -7.24 12.10 10.92
N ILE A 153 -6.30 12.97 10.59
CA ILE A 153 -6.33 13.62 9.29
C ILE A 153 -6.02 12.59 8.23
N SER A 154 -5.02 11.75 8.51
CA SER A 154 -4.62 10.73 7.57
C SER A 154 -5.74 9.76 7.28
N THR A 155 -6.44 9.33 8.34
CA THR A 155 -7.56 8.39 8.21
C THR A 155 -8.71 9.02 7.44
N ALA A 156 -8.90 10.32 7.59
CA ALA A 156 -9.97 11.01 6.89
C ALA A 156 -9.69 11.01 5.39
N ALA A 157 -8.42 11.17 5.03
CA ALA A 157 -8.01 11.17 3.63
C ALA A 157 -8.23 9.78 3.06
N MET A 158 -7.91 8.76 3.84
CA MET A 158 -8.09 7.37 3.40
C MET A 158 -9.55 7.07 3.15
N LEU A 159 -10.41 7.46 4.09
CA LEU A 159 -11.84 7.21 3.94
C LEU A 159 -12.39 7.87 2.70
N TYR A 160 -11.81 9.01 2.32
CA TYR A 160 -12.24 9.73 1.14
C TYR A 160 -11.89 8.88 -0.08
N ILE A 161 -10.68 8.34 -0.08
CA ILE A 161 -10.23 7.49 -1.19
C ILE A 161 -11.12 6.25 -1.28
N LEU A 162 -11.29 5.56 -0.17
CA LEU A 162 -12.10 4.34 -0.17
C LEU A 162 -13.54 4.60 -0.56
N TYR A 163 -14.04 5.79 -0.24
CA TYR A 163 -15.41 6.13 -0.59
C TYR A 163 -15.52 6.22 -2.12
N VAL A 164 -14.61 6.98 -2.72
CA VAL A 164 -14.62 7.15 -4.17
C VAL A 164 -14.37 5.83 -4.90
N LEU A 165 -13.47 5.01 -4.39
CA LEU A 165 -13.21 3.73 -5.02
C LEU A 165 -14.44 2.84 -5.01
N PHE A 166 -15.06 2.72 -3.84
CA PHE A 166 -16.24 1.87 -3.68
C PHE A 166 -17.50 2.31 -4.41
N PHE A 167 -17.83 3.61 -4.36
CA PHE A 167 -19.04 4.09 -5.01
C PHE A 167 -18.83 4.76 -6.36
N GLY A 168 -17.74 5.49 -6.51
CA GLY A 168 -17.48 6.14 -7.78
C GLY A 168 -16.94 5.20 -8.84
N PHE A 169 -15.84 4.50 -8.54
CA PHE A 169 -15.24 3.58 -9.50
C PHE A 169 -16.16 2.43 -9.91
N THR A 170 -16.81 1.83 -8.92
CA THR A 170 -17.73 0.72 -9.18
C THR A 170 -18.67 1.09 -10.31
N SER A 171 -19.28 2.27 -10.21
CA SER A 171 -20.22 2.73 -11.22
C SER A 171 -19.55 2.82 -12.60
N LYS A 172 -18.29 3.25 -12.59
CA LYS A 172 -17.51 3.39 -13.82
C LYS A 172 -17.23 1.99 -14.35
N ALA A 173 -16.99 1.06 -13.42
CA ALA A 173 -16.70 -0.32 -13.78
C ALA A 173 -17.90 -1.02 -14.42
N GLU A 174 -19.10 -0.56 -14.10
CA GLU A 174 -20.30 -1.19 -14.66
C GLU A 174 -20.55 -0.88 -16.11
N SER A 175 -19.70 -0.04 -16.69
CA SER A 175 -19.87 0.28 -18.10
C SER A 175 -18.87 -0.52 -18.92
N MET A 176 -18.08 -1.34 -18.24
CA MET A 176 -17.07 -2.19 -18.89
C MET A 176 -17.63 -3.59 -19.09
N ARG A 177 -16.91 -4.44 -19.82
CA ARG A 177 -17.37 -5.80 -20.06
C ARG A 177 -17.29 -6.62 -18.78
N PRO A 178 -18.06 -7.72 -18.70
CA PRO A 178 -18.06 -8.56 -17.49
C PRO A 178 -16.72 -8.92 -16.85
N GLU A 179 -15.73 -9.37 -17.64
CA GLU A 179 -14.42 -9.71 -17.06
C GLU A 179 -13.82 -8.53 -16.32
N VAL A 180 -13.93 -7.32 -16.90
CA VAL A 180 -13.37 -6.15 -16.25
C VAL A 180 -14.14 -5.78 -14.99
N ALA A 181 -15.46 -5.73 -15.11
CA ALA A 181 -16.29 -5.38 -13.96
C ALA A 181 -16.03 -6.32 -12.79
N SER A 182 -16.02 -7.63 -13.05
CA SER A 182 -15.80 -8.59 -11.96
C SER A 182 -14.40 -8.49 -11.32
N THR A 183 -13.36 -8.32 -12.13
CA THR A 183 -12.02 -8.21 -11.56
C THR A 183 -11.91 -6.94 -10.73
N PHE A 184 -12.51 -5.86 -11.21
CA PHE A 184 -12.44 -4.63 -10.43
C PHE A 184 -13.12 -4.86 -9.08
N LYS A 185 -14.26 -5.56 -9.09
CA LYS A 185 -15.00 -5.84 -7.86
C LYS A 185 -14.10 -6.53 -6.83
N VAL A 186 -13.41 -7.59 -7.24
CA VAL A 186 -12.51 -8.30 -6.32
C VAL A 186 -11.41 -7.39 -5.80
N LEU A 187 -10.74 -6.67 -6.70
CA LEU A 187 -9.66 -5.76 -6.31
C LEU A 187 -10.19 -4.65 -5.40
N ARG A 188 -11.38 -4.16 -5.71
CA ARG A 188 -12.01 -3.12 -4.89
C ARG A 188 -12.22 -3.65 -3.45
N ASN A 189 -12.82 -4.82 -3.33
CA ASN A 189 -13.07 -5.41 -2.01
C ASN A 189 -11.78 -5.60 -1.25
N VAL A 190 -10.76 -6.12 -1.94
CA VAL A 190 -9.46 -6.35 -1.33
C VAL A 190 -8.79 -5.07 -0.83
N THR A 191 -8.75 -4.03 -1.67
CA THR A 191 -8.09 -2.80 -1.21
C THR A 191 -8.84 -2.13 -0.06
N VAL A 192 -10.16 -2.08 -0.14
CA VAL A 192 -10.95 -1.45 0.93
C VAL A 192 -10.67 -2.15 2.25
N VAL A 193 -10.75 -3.48 2.25
CA VAL A 193 -10.50 -4.22 3.46
C VAL A 193 -9.07 -4.06 3.96
N LEU A 194 -8.09 -4.34 3.11
CA LEU A 194 -6.69 -4.24 3.50
C LEU A 194 -6.27 -2.83 3.91
N TRP A 195 -6.63 -1.83 3.11
CA TRP A 195 -6.27 -0.45 3.43
C TRP A 195 -6.80 -0.01 4.80
N SER A 196 -8.05 -0.36 5.11
CA SER A 196 -8.62 0.05 6.40
C SER A 196 -7.93 -0.57 7.62
N ALA A 197 -7.11 -1.59 7.39
CA ALA A 197 -6.40 -2.25 8.48
C ALA A 197 -5.12 -1.53 8.92
N TYR A 198 -4.52 -0.76 8.01
CA TYR A 198 -3.29 -0.04 8.32
C TYR A 198 -3.44 0.99 9.45
N PRO A 199 -4.48 1.84 9.41
CA PRO A 199 -4.61 2.82 10.49
C PRO A 199 -4.91 2.19 11.85
N VAL A 200 -5.51 1.00 11.84
CA VAL A 200 -5.81 0.30 13.08
C VAL A 200 -4.49 -0.22 13.64
N VAL A 201 -3.71 -0.89 12.79
CA VAL A 201 -2.41 -1.43 13.20
C VAL A 201 -1.50 -0.32 13.72
N TRP A 202 -1.53 0.82 13.05
CA TRP A 202 -0.71 1.97 13.42
C TRP A 202 -1.10 2.47 14.82
N LEU A 203 -2.41 2.64 15.03
CA LEU A 203 -2.96 3.13 16.28
C LEU A 203 -2.64 2.28 17.51
N ILE A 204 -2.75 0.96 17.37
CA ILE A 204 -2.48 0.06 18.49
C ILE A 204 -1.04 -0.46 18.51
N GLY A 205 -0.18 0.13 17.68
CA GLY A 205 1.21 -0.31 17.62
C GLY A 205 2.23 0.69 18.12
N SER A 206 3.50 0.43 17.80
CA SER A 206 4.61 1.29 18.23
C SER A 206 4.46 2.75 17.82
N GLU A 207 3.73 2.99 16.74
CA GLU A 207 3.54 4.36 16.27
C GLU A 207 2.54 5.13 17.14
N GLY A 208 1.61 4.41 17.74
CA GLY A 208 0.61 5.06 18.58
C GLY A 208 0.67 4.57 20.01
N ALA A 209 -0.12 3.55 20.32
CA ALA A 209 -0.15 2.97 21.66
C ALA A 209 0.58 1.63 21.59
N GLY A 210 1.57 1.45 22.46
CA GLY A 210 2.33 0.21 22.45
C GLY A 210 1.57 -1.02 22.91
N ILE A 211 0.27 -1.07 22.65
CA ILE A 211 -0.54 -2.22 23.04
C ILE A 211 0.00 -3.45 22.32
N VAL A 212 0.38 -3.27 21.07
CA VAL A 212 0.92 -4.37 20.28
C VAL A 212 2.41 -4.14 20.12
N PRO A 213 3.23 -5.15 20.41
CA PRO A 213 4.69 -5.01 20.29
C PRO A 213 5.18 -4.89 18.84
N LEU A 214 6.23 -4.12 18.65
CA LEU A 214 6.83 -3.91 17.34
C LEU A 214 6.96 -5.26 16.67
N ASN A 215 7.13 -6.29 17.48
CA ASN A 215 7.26 -7.66 17.01
C ASN A 215 6.04 -8.08 16.20
N ILE A 216 4.87 -8.04 16.84
CA ILE A 216 3.61 -8.42 16.20
C ILE A 216 3.16 -7.45 15.10
N GLU A 217 3.48 -6.17 15.27
CA GLU A 217 3.11 -5.17 14.28
C GLU A 217 3.77 -5.44 12.93
N THR A 218 5.09 -5.59 12.95
CA THR A 218 5.84 -5.86 11.72
C THR A 218 5.27 -7.07 11.00
N LEU A 219 4.76 -8.02 11.77
CA LEU A 219 4.17 -9.23 11.20
C LEU A 219 2.88 -8.87 10.50
N LEU A 220 2.09 -8.01 11.13
CA LEU A 220 0.83 -7.58 10.55
C LEU A 220 1.07 -6.81 9.26
N PHE A 221 1.88 -5.76 9.32
CA PHE A 221 2.15 -4.96 8.13
C PHE A 221 2.67 -5.87 7.01
N MET A 222 3.47 -6.87 7.38
CA MET A 222 4.01 -7.79 6.40
C MET A 222 2.90 -8.54 5.68
N VAL A 223 1.95 -9.09 6.44
CA VAL A 223 0.86 -9.82 5.80
C VAL A 223 -0.01 -8.86 4.97
N LEU A 224 -0.28 -7.69 5.54
CA LEU A 224 -1.08 -6.67 4.85
C LEU A 224 -0.39 -6.24 3.55
N ASP A 225 0.90 -5.89 3.62
CA ASP A 225 1.65 -5.45 2.45
C ASP A 225 1.73 -6.51 1.34
N VAL A 226 2.13 -7.72 1.71
CA VAL A 226 2.25 -8.78 0.71
C VAL A 226 0.90 -9.07 0.06
N SER A 227 -0.16 -8.94 0.84
CA SER A 227 -1.50 -9.18 0.33
C SER A 227 -1.91 -8.05 -0.62
N ALA A 228 -1.67 -6.82 -0.19
CA ALA A 228 -2.03 -5.63 -0.96
C ALA A 228 -1.25 -5.48 -2.27
N LYS A 229 -0.08 -6.10 -2.35
CA LYS A 229 0.74 -5.98 -3.54
C LYS A 229 0.84 -7.24 -4.37
N VAL A 230 1.46 -8.27 -3.80
CA VAL A 230 1.60 -9.53 -4.51
C VAL A 230 0.22 -10.11 -4.78
N GLY A 231 -0.60 -10.20 -3.73
CA GLY A 231 -1.94 -10.74 -3.90
C GLY A 231 -2.70 -9.95 -4.94
N PHE A 232 -2.79 -8.64 -4.73
CA PHE A 232 -3.48 -7.73 -5.63
C PHE A 232 -2.89 -7.96 -7.04
N GLY A 233 -1.56 -7.98 -7.12
CA GLY A 233 -0.91 -8.21 -8.41
C GLY A 233 -1.39 -9.49 -9.06
N LEU A 234 -1.42 -10.57 -8.27
CA LEU A 234 -1.87 -11.86 -8.78
C LEU A 234 -3.30 -11.80 -9.30
N ILE A 235 -4.22 -11.30 -8.48
CA ILE A 235 -5.60 -11.23 -8.94
C ILE A 235 -5.72 -10.46 -10.25
N LEU A 236 -5.04 -9.31 -10.33
CA LEU A 236 -5.12 -8.52 -11.55
C LEU A 236 -4.36 -9.11 -12.74
N LEU A 237 -3.09 -9.42 -12.55
CA LEU A 237 -2.30 -9.93 -13.67
C LEU A 237 -2.66 -11.28 -14.27
N ARG A 238 -3.55 -12.02 -13.59
CA ARG A 238 -3.95 -13.32 -14.09
C ARG A 238 -5.32 -13.31 -14.76
N SER A 239 -5.99 -12.15 -14.75
CA SER A 239 -7.28 -12.05 -15.40
C SER A 239 -7.10 -11.38 -16.75
N ARG A 240 -8.04 -11.58 -17.67
CA ARG A 240 -7.95 -10.97 -18.99
C ARG A 240 -8.45 -9.54 -18.96
N ALA A 241 -8.74 -9.05 -17.75
CA ALA A 241 -9.25 -7.68 -17.59
C ALA A 241 -8.21 -6.64 -17.99
N ILE A 242 -6.93 -7.00 -17.97
CA ILE A 242 -5.87 -6.08 -18.34
C ILE A 242 -5.77 -5.88 -19.86
N PHE A 243 -6.50 -6.68 -20.61
CA PHE A 243 -6.49 -6.58 -22.07
C PHE A 243 -7.70 -5.77 -22.49
N GLY A 244 -7.47 -4.70 -23.26
CA GLY A 244 -8.60 -3.89 -23.69
C GLY A 244 -9.45 -4.67 -24.67
N GLU A 245 -9.01 -5.88 -25.01
CA GLU A 245 -9.71 -6.74 -25.95
C GLU A 245 -9.51 -6.19 -27.36
C1 GLC B . 12.36 14.43 11.77
C2 GLC B . 13.25 15.29 12.83
C3 GLC B . 14.79 14.97 12.60
C4 GLC B . 15.00 13.45 12.86
C5 GLC B . 14.14 12.60 11.86
C6 GLC B . 14.21 11.08 12.05
O2 GLC B . 13.05 16.71 12.65
O3 GLC B . 15.60 15.70 13.54
O4 GLC B . 16.34 13.03 12.67
O5 GLC B . 12.65 12.97 11.97
O6 GLC B . 13.48 10.52 13.14
C1 MAN B . 11.89 17.30 13.29
C2 MAN B . 11.33 18.55 12.50
C3 MAN B . 12.40 19.71 12.54
C4 MAN B . 12.60 20.13 14.02
C5 MAN B . 13.13 18.87 14.81
C6 MAN B . 13.25 19.19 16.26
O2 MAN B . 10.03 18.93 13.12
O3 MAN B . 11.90 20.84 11.81
O4 MAN B . 13.56 21.20 14.15
O5 MAN B . 12.16 17.77 14.66
O6 MAN B . 14.48 19.74 16.63
C1 SGA B . 14.85 19.55 18.01
C2 SGA B . 13.83 20.24 18.97
C3 SGA B . 14.29 20.00 20.42
C4 SGA B . 14.32 18.49 20.69
C5 SGA B . 15.32 17.83 19.70
C6 SGA B . 15.39 16.32 19.85
O2 SGA B . 13.78 21.63 18.68
O3 SGA B . 13.36 20.63 21.31
O4 SGA B . 13.01 17.93 20.54
O5 SGA B . 14.94 18.14 18.31
O6 SGA B . 16.51 15.80 19.18
S SGA B . 13.98 21.73 22.12
O1S SGA B . 12.98 22.31 22.98
O2S SGA B . 14.54 22.78 21.30
O3S SGA B . 15.01 21.30 23.02
C1 RET C . -1.12 5.28 8.06
C2 RET C . -1.07 6.22 9.34
C3 RET C . -2.36 6.25 10.10
C4 RET C . -3.45 6.84 9.23
C5 RET C . -3.66 6.00 7.98
C6 RET C . -2.57 5.23 7.38
C7 RET C . -2.88 4.41 6.11
C8 RET C . -2.01 3.63 5.40
C9 RET C . -2.38 2.82 4.25
C10 RET C . -1.36 2.11 3.69
C11 RET C . -1.48 1.20 2.57
C12 RET C . -0.34 0.62 2.15
C13 RET C . -0.22 -0.32 1.02
C14 RET C . 1.07 -0.71 0.74
C15 RET C . 1.54 -1.57 -0.34
C16 RET C . -0.08 5.84 7.10
C17 RET C . -0.68 3.88 8.55
C18 RET C . -5.05 6.01 7.38
C19 RET C . -3.82 2.78 3.74
C20 RET C . -1.43 -0.73 0.19
C1 SOG D . 7.44 -4.59 -17.84
C2 SOG D . 6.28 -5.34 -18.52
C3 SOG D . 6.63 -5.64 -20.00
C4 SOG D . 6.83 -4.24 -20.70
C5 SOG D . 8.04 -3.49 -19.99
C6 SOG D . 8.34 -2.15 -20.56
C1' SOG D . 8.62 -3.39 -15.63
C2' SOG D . 8.63 -2.93 -14.22
C3' SOG D . 10.02 -2.38 -14.14
C4' SOG D . 10.56 -2.34 -12.78
C5' SOG D . 12.02 -2.58 -12.87
C6' SOG D . 12.69 -2.54 -11.55
C7' SOG D . 14.16 -2.80 -11.78
C8' SOG D . 14.91 -2.77 -10.48
S1 SOG D . 7.11 -4.17 -16.14
O2 SOG D . 6.09 -6.57 -17.80
O3 SOG D . 5.52 -6.35 -20.61
O4 SOG D . 7.18 -4.41 -22.09
O5 SOG D . 7.72 -3.30 -18.52
O6 SOG D . 9.77 -1.91 -20.40
C1 L2P E . 11.33 16.90 8.01
O1 L2P E . 12.60 17.52 8.37
C2 L2P E . 11.23 15.37 8.40
O2 L2P E . 9.86 14.87 7.96
C3 L2P E . 11.37 15.27 9.98
O3 L2P E . 12.57 14.84 10.41
C11 L2P E . 13.34 17.70 7.23
C12 L2P E . 13.49 19.15 6.82
C13 L2P E . 14.31 19.31 5.53
C14 L2P E . 15.44 20.19 5.94
C15 L2P E . 13.53 20.02 4.35
C16 L2P E . 12.93 18.98 3.39
C17 L2P E . 11.37 18.97 3.28
C18 L2P E . 11.08 19.78 2.01
C19 L2P E . 10.37 21.12 2.35
C20 L2P E . 10.12 19.08 0.96
C21 L2P E . 8.94 18.11 1.26
C22 L2P E . 9.58 16.92 0.49
C23 L2P E . 8.98 15.38 0.27
C24 L2P E . 10.19 14.79 -0.59
C25 L2P E . 7.65 15.32 -0.67
C26 L2P E . 6.42 14.77 0.34
C27 L2P E . 6.35 13.21 0.60
C28 L2P E . 5.14 12.80 1.60
C29 L2P E . 3.72 12.85 0.91
C30 L2P E . 5.35 11.31 2.17
C41 L2P E . 9.54 14.87 6.50
C42 L2P E . 8.12 15.62 6.35
C43 L2P E . 7.09 15.07 5.21
C44 L2P E . 7.79 14.60 3.89
C45 L2P E . 6.05 16.24 4.97
C46 L2P E . 4.63 15.82 4.42
C47 L2P E . 3.97 17.11 3.83
C48 L2P E . 2.43 16.99 3.15
C49 L2P E . 1.47 16.04 3.95
C50 L2P E . 2.70 16.53 1.59
C51 L2P E . 1.53 16.29 0.54
C52 L2P E . 2.17 15.89 -0.82
C53 L2P E . 1.34 15.16 -1.91
C54 L2P E . 2.31 14.09 -2.36
C55 L2P E . 1.00 16.11 -3.15
C56 L2P E . 0.30 15.44 -4.40
C57 L2P E . 0.01 16.49 -5.58
C58 L2P E . -0.68 15.83 -6.83
C59 L2P E . -1.74 16.75 -7.23
C60 L2P E . 0.32 15.63 -7.98
#